data_9F4V
#
_entry.id   9F4V
#
_cell.length_a   37.999
_cell.length_b   43.804
_cell.length_c   55.982
_cell.angle_alpha   90.000
_cell.angle_beta   94.060
_cell.angle_gamma   90.000
#
_symmetry.space_group_name_H-M   'P 1 21 1'
#
loop_
_entity.id
_entity.type
_entity.pdbx_description
1 polymer 'Heterogeneous nuclear ribonucleoprotein A1, N-terminally processed'
2 non-polymer 3-(difluoromethyl)-1-methyl-1H-pyrazole-4-carboxamide
3 water water
#
_entity_poly.entity_id   1
_entity_poly.type   'polypeptide(L)'
_entity_poly.pdbx_seq_one_letter_code
;GPMGSKSESPKEPEQLRKLFIGGLSFETTDESLRSHFEQWGTLTDCVVMRDPNTKRSRGFGFVTYATVEEVDAAMNARPH
KVDGRVVEPKRAVSREDSQRPGAHLTVKKIFVGGIKEDTEEHHLRDYFEQYGKIEVIEIMTDRGSGKKRGFAFVTFDDHD
SVDKIVIQKYHTVNGHNCEVRKALSKQEMASASSSQRG
;
_entity_poly.pdbx_strand_id   A
#
# COMPACT_ATOMS: atom_id res chain seq x y z
N PRO A 10 -14.05 -14.67 -10.40
CA PRO A 10 -14.45 -13.35 -10.86
C PRO A 10 -13.38 -12.30 -10.56
N LYS A 11 -13.62 -11.06 -10.99
CA LYS A 11 -12.61 -10.01 -10.92
C LYS A 11 -12.57 -9.40 -9.52
N GLU A 12 -11.36 -9.06 -9.08
CA GLU A 12 -11.21 -8.30 -7.86
C GLU A 12 -11.98 -6.99 -8.01
N PRO A 13 -12.54 -6.46 -6.91
CA PRO A 13 -13.20 -5.16 -6.97
C PRO A 13 -12.30 -4.11 -7.59
N GLU A 14 -12.89 -3.27 -8.44
CA GLU A 14 -12.13 -2.26 -9.17
C GLU A 14 -11.36 -1.34 -8.24
N GLN A 15 -11.96 -0.98 -7.10
CA GLN A 15 -11.28 -0.10 -6.15
C GLN A 15 -9.91 -0.61 -5.76
N LEU A 16 -9.75 -1.95 -5.67
CA LEU A 16 -8.49 -2.53 -5.25
C LEU A 16 -7.50 -2.67 -6.40
N ARG A 17 -7.89 -2.26 -7.60
CA ARG A 17 -7.05 -2.37 -8.78
C ARG A 17 -6.58 -1.01 -9.25
N LYS A 18 -6.89 0.02 -8.48
CA LYS A 18 -6.56 1.39 -8.92
C LYS A 18 -5.30 1.91 -8.24
N LEU A 19 -4.57 2.73 -8.98
CA LEU A 19 -3.46 3.46 -8.34
C LEU A 19 -3.62 4.94 -8.56
N PHE A 20 -3.67 5.71 -7.46
N PHE A 20 -3.64 5.71 -7.47
CA PHE A 20 -3.71 7.18 -7.59
CA PHE A 20 -3.72 7.18 -7.59
C PHE A 20 -2.28 7.62 -7.81
C PHE A 20 -2.29 7.66 -7.78
N ILE A 21 -2.04 8.41 -8.86
CA ILE A 21 -0.67 8.86 -9.16
C ILE A 21 -0.59 10.36 -8.92
N GLY A 22 0.13 10.73 -7.87
CA GLY A 22 0.32 12.15 -7.57
C GLY A 22 1.66 12.63 -8.07
N GLY A 23 1.81 13.94 -8.11
CA GLY A 23 3.07 14.53 -8.51
C GLY A 23 3.36 14.49 -9.99
N LEU A 24 2.34 14.40 -10.82
CA LEU A 24 2.58 14.31 -12.25
C LEU A 24 3.19 15.59 -12.80
N SER A 25 4.02 15.43 -13.81
CA SER A 25 4.33 16.55 -14.68
C SER A 25 3.04 17.07 -15.30
N PHE A 26 2.92 18.40 -15.39
CA PHE A 26 1.76 18.97 -16.06
C PHE A 26 1.71 18.61 -17.55
N GLU A 27 2.82 18.14 -18.13
CA GLU A 27 2.80 17.69 -19.52
C GLU A 27 2.30 16.26 -19.69
N THR A 28 2.16 15.48 -18.61
CA THR A 28 1.68 14.11 -18.75
C THR A 28 0.23 14.09 -19.22
N THR A 29 -0.07 13.20 -20.15
CA THR A 29 -1.39 13.06 -20.74
C THR A 29 -1.92 11.68 -20.44
N ASP A 30 -3.22 11.46 -20.71
CA ASP A 30 -3.76 10.12 -20.57
C ASP A 30 -2.90 9.13 -21.34
N GLU A 31 -2.46 9.52 -22.52
CA GLU A 31 -1.71 8.60 -23.37
C GLU A 31 -0.31 8.34 -22.81
N SER A 32 0.39 9.36 -22.31
CA SER A 32 1.74 9.12 -21.81
C SER A 32 1.72 8.41 -20.46
N LEU A 33 0.70 8.70 -19.64
CA LEU A 33 0.56 7.95 -18.39
C LEU A 33 0.29 6.49 -18.68
N ARG A 34 -0.58 6.21 -19.66
CA ARG A 34 -0.88 4.84 -20.05
C ARG A 34 0.36 4.13 -20.60
N SER A 35 1.07 4.76 -21.53
CA SER A 35 2.25 4.12 -22.10
C SER A 35 3.24 3.73 -21.01
N HIS A 36 3.39 4.58 -19.98
CA HIS A 36 4.30 4.26 -18.89
C HIS A 36 3.79 3.07 -18.09
N PHE A 37 2.56 3.17 -17.56
CA PHE A 37 2.11 2.17 -16.60
C PHE A 37 1.69 0.85 -17.23
N GLU A 38 1.47 0.82 -18.55
CA GLU A 38 1.21 -0.44 -19.22
C GLU A 38 2.40 -1.38 -19.20
N GLN A 39 3.58 -0.90 -18.78
CA GLN A 39 4.71 -1.81 -18.66
C GLN A 39 4.47 -2.88 -17.60
N TRP A 40 3.58 -2.64 -16.64
CA TRP A 40 3.37 -3.57 -15.53
C TRP A 40 2.02 -4.26 -15.55
N GLY A 41 1.23 -4.08 -16.59
CA GLY A 41 -0.02 -4.80 -16.68
C GLY A 41 -0.99 -4.15 -17.64
N THR A 42 -2.11 -4.84 -17.83
CA THR A 42 -3.19 -4.34 -18.66
C THR A 42 -3.93 -3.22 -17.91
N LEU A 43 -4.08 -2.08 -18.54
CA LEU A 43 -4.79 -0.95 -17.95
C LEU A 43 -6.19 -0.86 -18.53
N THR A 44 -7.19 -1.03 -17.68
CA THR A 44 -8.59 -0.85 -18.08
C THR A 44 -9.03 0.61 -18.05
N ASP A 45 -8.29 1.48 -17.36
CA ASP A 45 -8.59 2.90 -17.30
C ASP A 45 -7.30 3.64 -16.98
N CYS A 46 -7.20 4.87 -17.46
CA CYS A 46 -6.01 5.69 -17.22
C CYS A 46 -6.39 7.13 -17.52
N VAL A 47 -6.38 7.99 -16.51
CA VAL A 47 -6.90 9.35 -16.66
C VAL A 47 -5.98 10.33 -15.93
N VAL A 48 -5.68 11.45 -16.59
CA VAL A 48 -5.04 12.60 -15.94
C VAL A 48 -6.16 13.56 -15.55
N MET A 49 -6.17 14.01 -14.31
CA MET A 49 -7.19 14.98 -13.90
C MET A 49 -6.81 16.37 -14.39
N ARG A 50 -7.78 17.07 -14.94
CA ARG A 50 -7.56 18.40 -15.51
C ARG A 50 -8.61 19.37 -15.02
N ASP A 51 -8.26 20.64 -15.09
CA ASP A 51 -9.23 21.68 -14.78
C ASP A 51 -10.34 21.69 -15.83
N PRO A 52 -11.60 21.81 -15.42
CA PRO A 52 -12.70 21.75 -16.41
C PRO A 52 -12.74 22.92 -17.37
N ASN A 53 -12.17 24.07 -17.02
CA ASN A 53 -12.19 25.23 -17.90
C ASN A 53 -10.91 25.40 -18.69
N THR A 54 -9.75 25.30 -18.04
CA THR A 54 -8.49 25.59 -18.71
C THR A 54 -7.89 24.37 -19.37
N LYS A 55 -8.32 23.17 -18.97
CA LYS A 55 -7.72 21.89 -19.36
C LYS A 55 -6.29 21.71 -18.85
N ARG A 56 -5.81 22.62 -18.00
CA ARG A 56 -4.49 22.47 -17.43
C ARG A 56 -4.53 21.33 -16.42
N SER A 57 -3.50 20.48 -16.46
CA SER A 57 -3.39 19.36 -15.54
C SER A 57 -3.49 19.80 -14.09
N ARG A 58 -4.18 18.99 -13.29
CA ARG A 58 -4.21 19.14 -11.85
C ARG A 58 -3.01 18.47 -11.19
N GLY A 59 -2.14 17.82 -11.97
CA GLY A 59 -0.94 17.23 -11.39
C GLY A 59 -1.13 15.87 -10.78
N PHE A 60 -2.27 15.25 -11.02
CA PHE A 60 -2.48 13.87 -10.52
C PHE A 60 -3.43 13.18 -11.45
N GLY A 61 -3.47 11.87 -11.28
CA GLY A 61 -4.36 11.06 -12.11
C GLY A 61 -4.47 9.68 -11.51
N PHE A 62 -5.06 8.76 -12.26
N PHE A 62 -5.05 8.76 -12.27
CA PHE A 62 -5.21 7.37 -11.75
CA PHE A 62 -5.23 7.38 -11.75
C PHE A 62 -5.12 6.39 -12.88
C PHE A 62 -5.13 6.39 -12.87
N VAL A 63 -4.76 5.15 -12.55
CA VAL A 63 -4.70 4.09 -13.56
C VAL A 63 -5.43 2.92 -12.89
N THR A 64 -6.11 2.12 -13.69
CA THR A 64 -6.77 0.91 -13.17
C THR A 64 -6.20 -0.29 -13.90
N TYR A 65 -5.64 -1.22 -13.14
CA TYR A 65 -5.13 -2.45 -13.73
C TYR A 65 -6.22 -3.53 -13.79
N ALA A 66 -5.96 -4.57 -14.58
CA ALA A 66 -6.92 -5.66 -14.68
C ALA A 66 -6.90 -6.56 -13.45
N THR A 67 -5.78 -6.61 -12.72
CA THR A 67 -5.66 -7.48 -11.56
C THR A 67 -4.84 -6.81 -10.45
N VAL A 68 -5.07 -7.29 -9.22
CA VAL A 68 -4.29 -6.81 -8.08
C VAL A 68 -2.81 -7.15 -8.23
N GLU A 69 -2.49 -8.33 -8.78
CA GLU A 69 -1.08 -8.65 -8.98
C GLU A 69 -0.38 -7.63 -9.87
N GLU A 70 -1.11 -7.05 -10.84
CA GLU A 70 -0.52 -5.99 -11.66
C GLU A 70 -0.28 -4.73 -10.85
N VAL A 71 -1.20 -4.37 -9.94
CA VAL A 71 -0.94 -3.25 -9.04
C VAL A 71 0.33 -3.50 -8.24
N ASP A 72 0.46 -4.71 -7.69
CA ASP A 72 1.68 -5.06 -6.95
C ASP A 72 2.92 -4.87 -7.81
N ALA A 73 2.86 -5.35 -9.07
CA ALA A 73 4.03 -5.22 -9.94
C ALA A 73 4.39 -3.75 -10.15
N ALA A 74 3.39 -2.92 -10.37
CA ALA A 74 3.66 -1.50 -10.56
C ALA A 74 4.26 -0.89 -9.30
N MET A 75 3.70 -1.21 -8.13
CA MET A 75 4.25 -0.65 -6.90
C MET A 75 5.66 -1.15 -6.65
N ASN A 76 5.95 -2.41 -7.00
CA ASN A 76 7.28 -2.94 -6.78
C ASN A 76 8.30 -2.35 -7.74
N ALA A 77 7.85 -1.69 -8.80
CA ALA A 77 8.73 -1.04 -9.76
C ALA A 77 8.98 0.43 -9.46
N ARG A 78 8.46 0.96 -8.35
CA ARG A 78 8.84 2.29 -7.93
C ARG A 78 10.35 2.33 -7.67
N PRO A 79 10.97 3.51 -7.78
CA PRO A 79 10.37 4.81 -8.14
C PRO A 79 10.03 4.90 -9.61
N HIS A 80 8.91 5.52 -9.92
CA HIS A 80 8.47 5.73 -11.29
C HIS A 80 8.76 7.16 -11.73
N LYS A 81 9.55 7.29 -12.79
CA LYS A 81 9.81 8.59 -13.40
C LYS A 81 8.98 8.65 -14.67
N VAL A 82 7.95 9.50 -14.67
CA VAL A 82 6.99 9.57 -15.75
C VAL A 82 7.15 10.93 -16.40
N ASP A 83 7.52 10.95 -17.68
CA ASP A 83 7.70 12.20 -18.39
C ASP A 83 8.70 13.11 -17.66
N GLY A 84 9.74 12.50 -17.08
CA GLY A 84 10.83 13.24 -16.49
C GLY A 84 10.68 13.58 -15.03
N ARG A 85 9.58 13.18 -14.38
CA ARG A 85 9.32 13.56 -13.01
C ARG A 85 9.01 12.30 -12.20
N VAL A 86 9.59 12.19 -11.01
CA VAL A 86 9.29 11.06 -10.14
C VAL A 86 7.91 11.28 -9.54
N VAL A 87 7.00 10.34 -9.76
CA VAL A 87 5.61 10.47 -9.33
C VAL A 87 5.40 9.68 -8.04
N GLU A 88 4.19 9.78 -7.48
CA GLU A 88 3.85 9.17 -6.20
C GLU A 88 2.60 8.31 -6.34
N PRO A 89 2.77 7.01 -6.62
CA PRO A 89 1.60 6.13 -6.73
C PRO A 89 1.20 5.61 -5.37
N LYS A 90 -0.11 5.51 -5.16
CA LYS A 90 -0.66 4.98 -3.92
C LYS A 90 -1.94 4.22 -4.27
N ARG A 91 -2.17 3.13 -3.57
CA ARG A 91 -3.45 2.43 -3.75
C ARG A 91 -4.60 3.32 -3.26
N ALA A 92 -5.76 3.13 -3.86
CA ALA A 92 -6.97 3.90 -3.48
C ALA A 92 -7.37 3.73 -2.02
N VAL A 93 -8.01 4.76 -1.49
CA VAL A 93 -8.48 4.75 -0.07
C VAL A 93 -9.40 3.54 0.18
N HIS A 104 -6.03 9.58 1.67
CA HIS A 104 -5.14 8.47 2.01
C HIS A 104 -4.35 8.80 3.27
N LEU A 105 -4.44 7.92 4.26
CA LEU A 105 -3.66 8.05 5.49
C LEU A 105 -2.39 7.23 5.30
N THR A 106 -1.30 7.91 4.94
CA THR A 106 -0.10 7.24 4.46
C THR A 106 0.86 7.05 5.62
N VAL A 107 0.97 5.81 6.10
CA VAL A 107 1.80 5.49 7.26
C VAL A 107 2.56 4.21 6.98
N LYS A 108 3.60 3.99 7.80
CA LYS A 108 4.48 2.84 7.64
C LYS A 108 4.37 1.85 8.79
N LYS A 109 3.44 2.06 9.71
CA LYS A 109 3.38 1.28 10.94
C LYS A 109 1.98 0.74 11.13
N ILE A 110 1.90 -0.50 11.61
CA ILE A 110 0.64 -1.16 11.92
C ILE A 110 0.58 -1.57 13.38
N PHE A 111 -0.65 -1.55 13.90
CA PHE A 111 -1.01 -2.22 15.14
C PHE A 111 -1.49 -3.62 14.79
N VAL A 112 -1.02 -4.61 15.55
CA VAL A 112 -1.41 -6.01 15.41
C VAL A 112 -1.95 -6.46 16.76
N GLY A 113 -3.26 -6.73 16.82
CA GLY A 113 -3.89 -7.11 18.07
C GLY A 113 -4.39 -8.53 18.04
N GLY A 114 -4.59 -9.13 19.22
CA GLY A 114 -5.10 -10.47 19.32
C GLY A 114 -4.06 -11.56 19.26
N ILE A 115 -2.79 -11.24 19.50
CA ILE A 115 -1.72 -12.21 19.40
C ILE A 115 -1.46 -12.94 20.72
N LYS A 116 -2.10 -12.51 21.80
CA LYS A 116 -2.06 -13.21 23.07
C LYS A 116 -0.65 -13.23 23.65
N GLU A 117 -0.34 -14.20 24.51
CA GLU A 117 0.95 -14.22 25.20
C GLU A 117 1.98 -15.14 24.55
N ASP A 118 1.60 -15.97 23.58
CA ASP A 118 2.52 -16.95 23.03
C ASP A 118 3.13 -16.52 21.69
N THR A 119 2.76 -15.36 21.17
CA THR A 119 3.28 -14.90 19.89
C THR A 119 4.59 -14.14 20.10
N GLU A 120 5.60 -14.52 19.32
CA GLU A 120 6.96 -14.00 19.44
C GLU A 120 7.33 -13.24 18.18
N GLU A 121 8.51 -12.64 18.21
CA GLU A 121 8.98 -11.79 17.12
C GLU A 121 9.03 -12.54 15.80
N HIS A 122 9.53 -13.77 15.81
CA HIS A 122 9.71 -14.50 14.57
C HIS A 122 8.38 -14.84 13.90
N HIS A 123 7.34 -15.07 14.70
CA HIS A 123 6.00 -15.29 14.14
C HIS A 123 5.58 -14.07 13.33
N LEU A 124 5.71 -12.89 13.92
CA LEU A 124 5.31 -11.66 13.23
C LEU A 124 6.21 -11.38 12.04
N ARG A 125 7.53 -11.60 12.19
CA ARG A 125 8.45 -11.33 11.10
C ARG A 125 8.18 -12.27 9.92
N ASP A 126 8.04 -13.57 10.20
CA ASP A 126 7.91 -14.52 9.10
C ASP A 126 6.66 -14.25 8.29
N TYR A 127 5.60 -13.77 8.94
CA TYR A 127 4.37 -13.45 8.23
C TYR A 127 4.46 -12.11 7.52
N PHE A 128 4.82 -11.06 8.26
CA PHE A 128 4.71 -9.71 7.70
C PHE A 128 5.82 -9.37 6.71
N GLU A 129 6.95 -10.08 6.75
CA GLU A 129 8.03 -9.77 5.82
C GLU A 129 7.62 -9.98 4.36
N GLN A 130 6.57 -10.76 4.12
CA GLN A 130 6.11 -10.94 2.75
C GLN A 130 5.24 -9.80 2.26
N TYR A 131 4.88 -8.86 3.12
CA TYR A 131 4.22 -7.63 2.71
C TYR A 131 5.19 -6.49 2.45
N GLY A 132 6.36 -6.50 3.08
CA GLY A 132 7.30 -5.42 2.88
C GLY A 132 8.48 -5.61 3.79
N LYS A 133 9.45 -4.72 3.65
CA LYS A 133 10.68 -4.80 4.42
C LYS A 133 10.45 -4.24 5.82
N ILE A 134 10.64 -5.08 6.84
CA ILE A 134 10.38 -4.69 8.21
C ILE A 134 11.59 -3.97 8.79
N GLU A 135 11.34 -2.85 9.47
CA GLU A 135 12.40 -2.17 10.21
C GLU A 135 12.31 -2.36 11.71
N VAL A 136 11.11 -2.45 12.28
CA VAL A 136 10.95 -2.57 13.73
C VAL A 136 9.78 -3.50 14.02
N ILE A 137 9.96 -4.40 14.98
CA ILE A 137 8.87 -5.17 15.55
C ILE A 137 8.89 -4.92 17.05
N GLU A 138 7.77 -4.44 17.59
CA GLU A 138 7.68 -4.09 19.00
C GLU A 138 6.53 -4.90 19.60
N ILE A 139 6.87 -5.97 20.35
CA ILE A 139 5.87 -6.76 21.05
C ILE A 139 5.63 -6.11 22.41
N MET A 140 4.37 -5.80 22.70
CA MET A 140 4.06 -4.86 23.77
C MET A 140 3.99 -5.66 25.07
N THR A 141 4.62 -5.14 26.12
CA THR A 141 4.64 -5.81 27.41
C THR A 141 4.15 -4.86 28.49
N ASP A 142 3.68 -5.43 29.59
CA ASP A 142 3.11 -4.64 30.67
C ASP A 142 4.22 -3.89 31.42
N ARG A 143 3.98 -2.59 31.63
CA ARG A 143 4.95 -1.70 32.25
C ARG A 143 5.33 -2.15 33.64
N GLY A 144 4.39 -2.78 34.35
CA GLY A 144 4.61 -3.21 35.71
C GLY A 144 5.16 -4.62 35.85
N SER A 145 4.59 -5.58 35.10
CA SER A 145 4.91 -6.98 35.27
C SER A 145 5.82 -7.55 34.19
N GLY A 146 5.94 -6.88 33.05
CA GLY A 146 6.68 -7.43 31.92
C GLY A 146 5.94 -8.49 31.14
N LYS A 147 4.73 -8.86 31.54
CA LYS A 147 3.98 -9.86 30.79
C LYS A 147 3.54 -9.30 29.44
N LYS A 148 3.46 -10.17 28.45
CA LYS A 148 3.00 -9.74 27.14
C LYS A 148 1.55 -9.31 27.21
N ARG A 149 1.23 -8.23 26.51
CA ARG A 149 -0.12 -7.69 26.55
C ARG A 149 -0.99 -8.18 25.41
N GLY A 150 -0.44 -8.89 24.45
CA GLY A 150 -1.24 -9.44 23.37
C GLY A 150 -1.39 -8.54 22.17
N PHE A 151 -0.50 -7.57 21.99
CA PHE A 151 -0.49 -6.77 20.78
C PHE A 151 0.93 -6.32 20.48
N ALA A 152 1.13 -5.84 19.25
CA ALA A 152 2.45 -5.48 18.75
C ALA A 152 2.31 -4.39 17.72
N PHE A 153 3.43 -3.74 17.43
CA PHE A 153 3.53 -2.80 16.33
C PHE A 153 4.62 -3.26 15.39
N VAL A 154 4.36 -3.15 14.09
CA VAL A 154 5.34 -3.47 13.07
C VAL A 154 5.52 -2.23 12.20
N THR A 155 6.78 -1.82 12.02
CA THR A 155 7.13 -0.67 11.17
C THR A 155 7.87 -1.18 9.95
N PHE A 156 7.41 -0.76 8.78
CA PHE A 156 8.00 -1.12 7.50
C PHE A 156 8.78 0.07 6.94
N ASP A 157 9.56 -0.20 5.90
CA ASP A 157 10.29 0.89 5.24
C ASP A 157 9.44 1.72 4.28
N ASP A 158 8.17 1.37 4.10
CA ASP A 158 7.39 2.01 3.04
C ASP A 158 5.91 1.73 3.28
N HIS A 159 5.09 2.65 2.82
CA HIS A 159 3.67 2.59 3.13
C HIS A 159 2.89 1.53 2.36
N ASP A 160 3.40 1.06 1.22
CA ASP A 160 2.57 0.16 0.42
C ASP A 160 2.34 -1.16 1.15
N SER A 161 3.34 -1.61 1.91
N SER A 161 3.33 -1.62 1.92
CA SER A 161 3.18 -2.79 2.76
CA SER A 161 3.16 -2.81 2.75
C SER A 161 1.93 -2.66 3.63
C SER A 161 1.93 -2.67 3.65
N VAL A 162 1.82 -1.54 4.34
CA VAL A 162 0.68 -1.28 5.21
C VAL A 162 -0.61 -1.24 4.43
N ASP A 163 -0.59 -0.57 3.27
CA ASP A 163 -1.80 -0.48 2.46
C ASP A 163 -2.29 -1.85 2.02
N LYS A 164 -1.37 -2.74 1.62
CA LYS A 164 -1.76 -4.11 1.27
C LYS A 164 -2.32 -4.85 2.48
N ILE A 165 -1.72 -4.62 3.65
CA ILE A 165 -2.10 -5.37 4.83
C ILE A 165 -3.51 -5.02 5.27
N VAL A 166 -3.82 -3.72 5.33
CA VAL A 166 -5.08 -3.31 5.95
C VAL A 166 -6.30 -3.57 5.09
N ILE A 167 -6.12 -3.86 3.79
CA ILE A 167 -7.27 -4.18 2.95
C ILE A 167 -7.62 -5.65 3.00
N GLN A 168 -6.76 -6.51 3.52
CA GLN A 168 -7.12 -7.91 3.68
C GLN A 168 -8.22 -8.04 4.73
N LYS A 169 -9.17 -8.94 4.47
CA LYS A 169 -10.21 -9.21 5.46
C LYS A 169 -9.66 -9.90 6.70
N TYR A 170 -8.60 -10.72 6.58
CA TYR A 170 -8.15 -11.63 7.63
C TYR A 170 -6.63 -11.61 7.70
N HIS A 171 -6.11 -11.75 8.92
CA HIS A 171 -4.71 -12.04 9.15
C HIS A 171 -4.58 -13.12 10.19
N THR A 172 -3.88 -14.21 9.86
CA THR A 172 -3.68 -15.34 10.75
C THR A 172 -2.18 -15.41 11.04
N VAL A 173 -1.83 -15.24 12.31
CA VAL A 173 -0.44 -15.26 12.75
C VAL A 173 -0.36 -16.12 14.00
N ASN A 174 0.47 -17.15 13.96
CA ASN A 174 0.65 -18.05 15.10
C ASN A 174 -0.71 -18.65 15.50
N GLY A 175 -1.52 -18.99 14.49
CA GLY A 175 -2.83 -19.57 14.72
C GLY A 175 -3.89 -18.61 15.23
N HIS A 176 -3.53 -17.34 15.48
CA HIS A 176 -4.47 -16.37 16.02
C HIS A 176 -5.07 -15.58 14.87
N ASN A 177 -6.36 -15.29 14.99
CA ASN A 177 -7.05 -14.37 14.10
C ASN A 177 -6.82 -12.94 14.62
N CYS A 178 -6.04 -12.16 13.88
CA CYS A 178 -5.53 -10.89 14.37
C CYS A 178 -6.31 -9.71 13.82
N GLU A 179 -6.37 -8.65 14.61
CA GLU A 179 -6.90 -7.37 14.18
C GLU A 179 -5.72 -6.48 13.82
N VAL A 180 -5.72 -5.95 12.61
CA VAL A 180 -4.59 -5.17 12.12
C VAL A 180 -5.12 -3.83 11.62
N ARG A 181 -4.49 -2.76 12.08
CA ARG A 181 -4.88 -1.43 11.64
C ARG A 181 -3.66 -0.54 11.50
N LYS A 182 -3.85 0.55 10.74
CA LYS A 182 -2.79 1.56 10.64
C LYS A 182 -2.56 2.19 12.02
N ALA A 183 -1.30 2.49 12.32
CA ALA A 183 -0.91 3.07 13.60
C ALA A 183 -0.28 4.44 13.37
N LEU A 184 -0.78 5.43 14.11
CA LEU A 184 -0.36 6.85 14.06
C LEU A 184 -0.16 7.39 12.63
#